data_8Y7R
#
_entry.id   8Y7R
#
_cell.length_a   84.580
_cell.length_b   84.580
_cell.length_c   280.980
_cell.angle_alpha   90.00
_cell.angle_beta   90.00
_cell.angle_gamma   120.00
#
_symmetry.space_group_name_H-M   'P 65 2 2'
#
loop_
_entity.id
_entity.type
_entity.pdbx_description
1 polymer 'NAD(P)-dependent dehydrogenase (Short-subunit alcohol dehydrogenase family)'
2 water water
#
_entity_poly.entity_id   1
_entity_poly.type   'polypeptide(L)'
_entity_poly.pdbx_seq_one_letter_code
;MKILADKVALVTGSGSGIGLAVALAYGKEGAKVVISDINEQAGNETVKQIESLGGEAVFFKADSSSPADNEALVGYAVKT
FGRLDIACNNAGIGGEAALTGDYSLDGWKKVIDINFNGVFYGCKYQIEAMERNGGGVIVNMASIHGTVAAPMSSAYTSAK
HAVVGLTKNIGAEYGQKNIRCNAVGPGYIDTPLLAKLDKEHINALISKHPIGRLGKAEEVAELVLFLSSDKSSFMTGGYY
LVDGGYTAV
;
_entity_poly.pdbx_strand_id   A,B
#
# COMPACT_ATOMS: atom_id res chain seq x y z
N LYS A 2 5.71 19.30 5.46
CA LYS A 2 5.74 18.18 6.44
C LYS A 2 4.36 17.52 6.50
N ILE A 3 4.30 16.26 6.10
CA ILE A 3 2.99 15.67 5.80
C ILE A 3 2.22 15.37 7.10
N LEU A 4 2.89 15.29 8.26
CA LEU A 4 2.22 15.03 9.52
C LEU A 4 2.30 16.24 10.46
N ALA A 5 2.42 17.46 9.92
CA ALA A 5 2.50 18.65 10.76
C ALA A 5 1.26 18.76 11.66
N ASP A 6 1.43 19.09 12.93
CA ASP A 6 0.31 19.33 13.84
C ASP A 6 -0.33 17.99 14.28
N LYS A 7 0.17 16.82 13.81
CA LYS A 7 -0.39 15.56 14.26
C LYS A 7 0.41 15.06 15.46
N VAL A 8 -0.24 14.25 16.27
CA VAL A 8 0.32 13.57 17.40
C VAL A 8 0.29 12.08 17.05
N ALA A 9 1.45 11.44 17.13
CA ALA A 9 1.56 10.02 16.74
C ALA A 9 2.17 9.17 17.86
N LEU A 10 1.69 7.94 18.00
CA LEU A 10 2.20 7.01 19.03
C LEU A 10 2.83 5.81 18.32
N VAL A 11 4.03 5.39 18.74
CA VAL A 11 4.66 4.17 18.15
C VAL A 11 5.05 3.22 19.29
N THR A 12 4.42 2.03 19.37
CA THR A 12 4.86 1.06 20.36
C THR A 12 6.01 0.20 19.81
N GLY A 13 6.79 -0.33 20.75
CA GLY A 13 8.02 -1.05 20.40
C GLY A 13 8.98 -0.21 19.57
N SER A 14 9.20 1.08 19.93
CA SER A 14 9.93 1.99 19.07
C SER A 14 11.41 2.17 19.46
N GLY A 15 11.89 1.30 20.34
CA GLY A 15 13.27 1.40 20.82
C GLY A 15 14.29 0.90 19.81
N SER A 16 13.84 0.19 18.76
CA SER A 16 14.72 -0.46 17.79
C SER A 16 13.95 -0.91 16.54
N GLY A 17 14.67 -1.37 15.52
CA GLY A 17 14.11 -1.98 14.33
C GLY A 17 13.09 -1.07 13.63
N ILE A 18 12.02 -1.74 13.21
CA ILE A 18 10.96 -1.11 12.45
C ILE A 18 10.33 0.03 13.26
N GLY A 19 10.11 -0.21 14.55
CA GLY A 19 9.48 0.79 15.43
C GLY A 19 10.31 2.07 15.47
N LEU A 20 11.64 1.91 15.52
CA LEU A 20 12.56 3.03 15.47
C LEU A 20 12.42 3.77 14.15
N ALA A 21 12.48 3.04 13.01
CA ALA A 21 12.38 3.68 11.73
C ALA A 21 11.04 4.43 11.57
N VAL A 22 9.95 3.85 12.06
CA VAL A 22 8.65 4.52 11.99
C VAL A 22 8.67 5.82 12.81
N ALA A 23 9.18 5.75 14.04
CA ALA A 23 9.30 6.94 14.89
C ALA A 23 10.10 8.04 14.23
N LEU A 24 11.22 7.68 13.57
CA LEU A 24 12.05 8.66 12.87
C LEU A 24 11.31 9.27 11.70
N ALA A 25 10.59 8.43 10.94
CA ALA A 25 9.84 8.93 9.81
C ALA A 25 8.76 9.90 10.30
N TYR A 26 8.04 9.52 11.37
CA TYR A 26 6.95 10.38 11.88
C TYR A 26 7.58 11.73 12.32
N GLY A 27 8.69 11.64 13.04
CA GLY A 27 9.38 12.82 13.56
C GLY A 27 9.81 13.78 12.46
N LYS A 28 10.40 13.23 11.40
CA LYS A 28 10.89 13.98 10.26
C LYS A 28 9.75 14.72 9.55
N GLU A 29 8.53 14.14 9.57
CA GLU A 29 7.39 14.70 8.89
C GLU A 29 6.53 15.55 9.82
N GLY A 30 7.12 15.94 10.95
CA GLY A 30 6.56 17.02 11.77
C GLY A 30 5.55 16.58 12.82
N ALA A 31 5.35 15.25 13.02
CA ALA A 31 4.48 14.79 14.08
C ALA A 31 5.16 15.00 15.43
N LYS A 32 4.35 15.27 16.45
CA LYS A 32 4.79 15.10 17.82
C LYS A 32 4.69 13.63 18.14
N VAL A 33 5.82 13.02 18.52
CA VAL A 33 5.88 11.56 18.64
C VAL A 33 5.98 11.13 20.08
N VAL A 34 5.13 10.16 20.41
CA VAL A 34 5.17 9.45 21.68
C VAL A 34 5.77 8.07 21.41
N ILE A 35 6.98 7.90 21.95
CA ILE A 35 7.79 6.68 21.86
C ILE A 35 7.39 5.79 23.02
N SER A 36 7.18 4.49 22.83
CA SER A 36 6.96 3.58 23.94
C SER A 36 7.68 2.27 23.68
N ASP A 37 8.28 1.71 24.72
CA ASP A 37 9.00 0.47 24.62
C ASP A 37 9.14 -0.02 26.06
N ILE A 38 9.53 -1.27 26.20
CA ILE A 38 9.79 -1.88 27.49
C ILE A 38 11.13 -1.38 28.01
N ASN A 39 12.05 -1.03 27.10
CA ASN A 39 13.42 -0.64 27.42
C ASN A 39 13.60 0.86 27.33
N GLU A 40 13.87 1.46 28.50
CA GLU A 40 13.92 2.90 28.67
C GLU A 40 15.16 3.51 28.02
N GLN A 41 16.31 2.82 28.07
CA GLN A 41 17.51 3.37 27.44
C GLN A 41 17.31 3.43 25.92
N ALA A 42 16.73 2.39 25.35
CA ALA A 42 16.48 2.36 23.91
C ALA A 42 15.45 3.43 23.55
N GLY A 43 14.42 3.58 24.39
CA GLY A 43 13.38 4.60 24.16
C GLY A 43 13.91 6.03 24.23
N ASN A 44 14.73 6.34 25.25
CA ASN A 44 15.28 7.68 25.41
C ASN A 44 16.19 8.05 24.24
N GLU A 45 16.84 7.02 23.70
CA GLU A 45 17.73 7.19 22.57
C GLU A 45 16.95 7.59 21.31
N THR A 46 15.82 6.91 21.06
CA THR A 46 14.95 7.28 19.95
C THR A 46 14.54 8.76 20.09
N VAL A 47 14.16 9.17 21.30
CA VAL A 47 13.75 10.55 21.55
C VAL A 47 14.88 11.52 21.19
N LYS A 48 16.10 11.20 21.68
CA LYS A 48 17.26 12.04 21.40
C LYS A 48 17.49 12.20 19.89
N GLN A 49 17.41 11.08 19.18
CA GLN A 49 17.61 11.05 17.73
C GLN A 49 16.55 11.90 17.03
N ILE A 50 15.28 11.80 17.46
CA ILE A 50 14.23 12.59 16.84
C ILE A 50 14.50 14.08 17.09
N GLU A 51 14.87 14.40 18.32
CA GLU A 51 15.15 15.79 18.66
C GLU A 51 16.34 16.33 17.88
N SER A 52 17.37 15.50 17.69
CA SER A 52 18.60 15.93 17.04
C SER A 52 18.34 16.32 15.60
N LEU A 53 17.25 15.81 15.02
CA LEU A 53 16.90 16.06 13.63
C LEU A 53 15.85 17.17 13.55
N GLY A 54 15.55 17.81 14.69
CA GLY A 54 14.67 18.97 14.74
C GLY A 54 13.21 18.62 15.04
N GLY A 55 12.95 17.37 15.45
CA GLY A 55 11.59 16.93 15.74
C GLY A 55 11.26 17.09 17.23
N GLU A 56 10.05 16.66 17.61
CA GLU A 56 9.58 16.67 18.98
C GLU A 56 9.09 15.30 19.40
N ALA A 57 9.50 14.83 20.58
CA ALA A 57 9.18 13.48 21.02
C ALA A 57 9.33 13.38 22.53
N VAL A 58 8.58 12.43 23.10
CA VAL A 58 8.67 12.02 24.49
C VAL A 58 8.59 10.50 24.58
N PHE A 59 9.11 9.96 25.68
CA PHE A 59 9.11 8.53 25.94
C PHE A 59 8.21 8.18 27.11
N PHE A 60 7.50 7.07 26.98
CA PHE A 60 6.65 6.52 28.03
C PHE A 60 6.83 5.01 28.03
N LYS A 61 7.33 4.50 29.16
CA LYS A 61 7.60 3.09 29.28
C LYS A 61 6.27 2.35 29.42
N ALA A 62 6.08 1.25 28.68
CA ALA A 62 4.84 0.50 28.79
C ALA A 62 5.08 -0.95 28.37
N ASP A 63 4.38 -1.87 29.03
CA ASP A 63 4.29 -3.26 28.62
C ASP A 63 3.06 -3.36 27.72
N SER A 64 3.28 -3.59 26.41
CA SER A 64 2.20 -3.51 25.45
C SER A 64 1.18 -4.62 25.66
N SER A 65 1.50 -5.66 26.45
CA SER A 65 0.54 -6.69 26.77
C SER A 65 -0.41 -6.30 27.90
N SER A 66 -0.18 -5.16 28.54
CA SER A 66 -1.01 -4.76 29.67
C SER A 66 -2.12 -3.80 29.23
N PRO A 67 -3.40 -4.08 29.49
CA PRO A 67 -4.46 -3.11 29.22
C PRO A 67 -4.20 -1.77 29.92
N ALA A 68 -3.89 -1.84 31.24
CA ALA A 68 -3.65 -0.61 32.00
C ALA A 68 -2.51 0.23 31.42
N ASP A 69 -1.38 -0.40 31.02
CA ASP A 69 -0.29 0.34 30.45
C ASP A 69 -0.71 1.01 29.13
N ASN A 70 -1.49 0.31 28.29
CA ASN A 70 -1.98 0.89 27.05
C ASN A 70 -2.86 2.13 27.29
N GLU A 71 -3.75 2.04 28.27
CA GLU A 71 -4.61 3.14 28.63
C GLU A 71 -3.78 4.32 29.12
N ALA A 72 -2.78 4.00 29.94
CA ALA A 72 -1.93 5.06 30.53
C ALA A 72 -1.08 5.70 29.46
N LEU A 73 -0.64 4.91 28.45
CA LEU A 73 0.16 5.44 27.37
C LEU A 73 -0.64 6.45 26.55
N VAL A 74 -1.89 6.08 26.25
CA VAL A 74 -2.72 6.97 25.45
C VAL A 74 -3.02 8.23 26.28
N GLY A 75 -3.30 8.00 27.55
CA GLY A 75 -3.55 9.13 28.48
C GLY A 75 -2.37 10.08 28.50
N TYR A 76 -1.16 9.54 28.55
CA TYR A 76 0.05 10.37 28.53
C TYR A 76 0.24 11.16 27.24
N ALA A 77 -0.04 10.52 26.08
CA ALA A 77 0.02 11.24 24.85
C ALA A 77 -0.93 12.45 24.87
N VAL A 78 -2.17 12.26 25.31
CA VAL A 78 -3.19 13.30 25.31
C VAL A 78 -2.85 14.39 26.34
N LYS A 79 -2.33 13.97 27.46
CA LYS A 79 -1.89 14.98 28.43
C LYS A 79 -0.75 15.81 27.87
N THR A 80 0.27 15.18 27.27
CA THR A 80 1.48 15.85 26.81
C THR A 80 1.22 16.74 25.61
N PHE A 81 0.52 16.20 24.57
CA PHE A 81 0.39 16.88 23.29
C PHE A 81 -1.07 17.20 22.95
N GLY A 82 -2.02 16.83 23.79
CA GLY A 82 -3.37 17.38 23.69
C GLY A 82 -4.36 16.59 22.85
N ARG A 83 -3.90 15.50 22.22
CA ARG A 83 -4.76 14.79 21.28
C ARG A 83 -3.95 13.56 20.85
N LEU A 84 -4.60 12.64 20.12
CA LEU A 84 -3.89 11.52 19.48
C LEU A 84 -4.48 11.35 18.10
N ASP A 85 -3.63 11.45 17.04
CA ASP A 85 -4.06 11.42 15.66
C ASP A 85 -3.70 10.08 14.99
N ILE A 86 -2.57 9.52 15.39
CA ILE A 86 -1.94 8.40 14.66
C ILE A 86 -1.41 7.42 15.70
N ALA A 87 -1.61 6.11 15.47
CA ALA A 87 -0.95 5.11 16.28
C ALA A 87 -0.39 4.01 15.40
N CYS A 88 0.86 3.64 15.65
CA CYS A 88 1.45 2.47 14.99
C CYS A 88 1.69 1.39 16.04
N ASN A 89 0.94 0.30 15.96
CA ASN A 89 1.01 -0.78 16.93
C ASN A 89 2.06 -1.77 16.44
N ASN A 90 3.27 -1.67 17.00
CA ASN A 90 4.46 -2.33 16.45
C ASN A 90 5.12 -3.29 17.40
N ALA A 91 4.82 -3.21 18.70
CA ALA A 91 5.52 -4.04 19.69
C ALA A 91 5.18 -5.49 19.43
N GLY A 92 6.18 -6.36 19.45
CA GLY A 92 5.96 -7.72 18.99
C GLY A 92 7.19 -8.53 19.32
N ILE A 93 7.02 -9.82 19.55
CA ILE A 93 8.15 -10.73 19.72
C ILE A 93 8.04 -11.84 18.67
N GLY A 94 9.15 -12.50 18.33
CA GLY A 94 9.12 -13.64 17.42
C GLY A 94 8.62 -14.95 18.05
N GLY A 95 8.90 -15.14 19.34
CA GLY A 95 8.54 -16.35 20.04
C GLY A 95 9.58 -17.48 19.89
N GLU A 96 9.36 -18.56 20.64
CA GLU A 96 10.16 -19.76 20.54
C GLU A 96 9.94 -20.40 19.17
N ALA A 97 10.90 -21.21 18.75
CA ALA A 97 10.78 -22.04 17.56
C ALA A 97 10.54 -23.48 18.01
N ALA A 98 9.43 -24.04 17.60
CA ALA A 98 9.01 -25.40 17.88
C ALA A 98 7.87 -25.74 16.94
N LEU A 99 7.75 -27.01 16.56
CA LEU A 99 6.53 -27.46 15.88
C LEU A 99 5.33 -27.23 16.76
N THR A 100 4.15 -27.09 16.15
CA THR A 100 2.92 -26.75 16.86
C THR A 100 2.69 -27.74 18.02
N GLY A 101 2.86 -29.04 17.74
CA GLY A 101 2.59 -30.04 18.75
C GLY A 101 3.56 -29.97 19.93
N ASP A 102 4.73 -29.36 19.70
CA ASP A 102 5.76 -29.21 20.71
C ASP A 102 5.74 -27.81 21.34
N TYR A 103 4.85 -26.92 20.94
CA TYR A 103 4.93 -25.51 21.35
C TYR A 103 4.53 -25.39 22.82
N SER A 104 5.31 -24.67 23.61
CA SER A 104 5.01 -24.58 25.04
C SER A 104 3.74 -23.79 25.27
N LEU A 105 3.06 -24.12 26.36
CA LEU A 105 1.90 -23.34 26.74
C LEU A 105 2.25 -21.92 27.17
N ASP A 106 3.35 -21.75 27.92
CA ASP A 106 3.74 -20.42 28.33
C ASP A 106 4.27 -19.58 27.18
N GLY A 107 5.01 -20.22 26.29
CA GLY A 107 5.59 -19.55 25.14
C GLY A 107 4.48 -19.15 24.14
N TRP A 108 3.46 -19.99 24.01
CA TRP A 108 2.27 -19.62 23.22
C TRP A 108 1.59 -18.37 23.76
N LYS A 109 1.31 -18.39 25.07
CA LYS A 109 0.60 -17.31 25.76
C LYS A 109 1.38 -16.01 25.64
N LYS A 110 2.69 -16.07 25.80
CA LYS A 110 3.51 -14.89 25.73
C LYS A 110 3.33 -14.21 24.36
N VAL A 111 3.43 -15.02 23.30
CA VAL A 111 3.40 -14.48 21.92
C VAL A 111 1.99 -13.95 21.65
N ILE A 112 0.94 -14.68 22.07
CA ILE A 112 -0.43 -14.22 21.82
C ILE A 112 -0.70 -12.92 22.59
N ASP A 113 -0.25 -12.88 23.85
CA ASP A 113 -0.51 -11.69 24.65
C ASP A 113 0.19 -10.46 24.13
N ILE A 114 1.43 -10.53 23.65
CA ILE A 114 2.12 -9.36 23.14
C ILE A 114 1.67 -9.04 21.70
N ASN A 115 1.67 -10.06 20.83
CA ASN A 115 1.53 -9.79 19.43
C ASN A 115 0.08 -9.59 19.01
N PHE A 116 -0.86 -10.04 19.81
CA PHE A 116 -2.24 -9.96 19.43
C PHE A 116 -3.08 -9.25 20.50
N ASN A 117 -3.15 -9.82 21.72
CA ASN A 117 -3.99 -9.12 22.71
C ASN A 117 -3.52 -7.68 22.92
N GLY A 118 -2.21 -7.44 22.99
CA GLY A 118 -1.67 -6.10 23.24
C GLY A 118 -2.04 -5.14 22.12
N VAL A 119 -2.18 -5.67 20.89
CA VAL A 119 -2.59 -4.83 19.78
C VAL A 119 -4.03 -4.38 19.97
N PHE A 120 -4.90 -5.28 20.41
CA PHE A 120 -6.27 -4.94 20.73
C PHE A 120 -6.30 -3.91 21.89
N TYR A 121 -5.49 -4.14 22.93
CA TYR A 121 -5.56 -3.18 24.05
C TYR A 121 -5.13 -1.79 23.61
N GLY A 122 -4.07 -1.70 22.77
CA GLY A 122 -3.68 -0.44 22.18
C GLY A 122 -4.81 0.17 21.37
N CYS A 123 -5.31 -0.58 20.37
CA CYS A 123 -6.41 -0.08 19.56
C CYS A 123 -7.58 0.45 20.43
N LYS A 124 -7.99 -0.31 21.45
CA LYS A 124 -9.15 0.07 22.25
C LYS A 124 -8.96 1.48 22.79
N TYR A 125 -7.83 1.70 23.44
CA TYR A 125 -7.63 3.00 24.11
C TYR A 125 -7.30 4.09 23.11
N GLN A 126 -6.62 3.75 21.99
CA GLN A 126 -6.39 4.69 20.92
C GLN A 126 -7.70 5.20 20.34
N ILE A 127 -8.62 4.28 20.07
CA ILE A 127 -9.93 4.61 19.49
C ILE A 127 -10.63 5.60 20.43
N GLU A 128 -10.58 5.32 21.71
CA GLU A 128 -11.28 6.19 22.67
C GLU A 128 -10.80 7.63 22.53
N ALA A 129 -9.48 7.85 22.49
CA ALA A 129 -8.92 9.17 22.31
C ALA A 129 -9.24 9.77 20.95
N MET A 130 -9.08 8.96 19.88
CA MET A 130 -9.33 9.45 18.56
C MET A 130 -10.79 9.88 18.42
N GLU A 131 -11.74 9.13 18.98
CA GLU A 131 -13.15 9.52 18.85
C GLU A 131 -13.33 10.89 19.54
N ARG A 132 -12.65 11.07 20.65
CA ARG A 132 -12.78 12.36 21.34
C ARG A 132 -12.25 13.50 20.48
N ASN A 133 -11.13 13.31 19.75
CA ASN A 133 -10.51 14.38 18.97
C ASN A 133 -10.76 14.27 17.45
N GLY A 134 -11.95 13.79 17.09
CA GLY A 134 -12.47 13.96 15.76
C GLY A 134 -12.09 12.84 14.78
N GLY A 135 -11.34 11.87 15.27
CA GLY A 135 -10.91 10.74 14.47
C GLY A 135 -9.40 10.53 14.49
N GLY A 136 -8.92 9.66 13.61
CA GLY A 136 -7.50 9.31 13.65
C GLY A 136 -7.24 8.13 12.70
N VAL A 137 -5.99 7.70 12.74
CA VAL A 137 -5.50 6.68 11.82
C VAL A 137 -4.67 5.72 12.65
N ILE A 138 -4.95 4.42 12.49
CA ILE A 138 -4.15 3.35 13.12
C ILE A 138 -3.47 2.52 12.03
N VAL A 139 -2.20 2.21 12.27
CA VAL A 139 -1.46 1.22 11.46
C VAL A 139 -1.08 0.08 12.38
N ASN A 140 -1.61 -1.11 12.10
CA ASN A 140 -1.26 -2.29 12.92
C ASN A 140 -0.10 -3.01 12.23
N MET A 141 0.90 -3.42 12.99
CA MET A 141 2.00 -4.09 12.27
C MET A 141 1.71 -5.59 12.29
N ALA A 142 1.48 -6.13 11.10
CA ALA A 142 1.26 -7.58 10.95
C ALA A 142 2.56 -8.12 10.39
N SER A 143 2.45 -9.06 9.47
CA SER A 143 3.65 -9.61 8.82
C SER A 143 3.21 -10.44 7.63
N ILE A 144 4.14 -10.76 6.73
CA ILE A 144 3.80 -11.79 5.75
C ILE A 144 3.05 -12.93 6.41
N HIS A 145 3.38 -13.21 7.69
CA HIS A 145 2.84 -14.34 8.40
C HIS A 145 1.45 -14.06 8.93
N GLY A 146 0.87 -12.89 8.56
CA GLY A 146 -0.57 -12.71 8.64
C GLY A 146 -1.36 -13.30 7.47
N THR A 147 -0.64 -13.85 6.48
CA THR A 147 -1.28 -14.57 5.36
C THR A 147 -0.64 -15.90 5.00
N VAL A 148 0.66 -16.12 5.27
CA VAL A 148 1.30 -17.38 4.99
C VAL A 148 2.00 -17.91 6.24
N ALA A 149 2.15 -19.24 6.27
CA ALA A 149 2.76 -19.94 7.41
C ALA A 149 4.23 -19.60 7.62
N ALA A 150 4.61 -19.66 8.91
CA ALA A 150 6.01 -19.60 9.28
C ALA A 150 6.32 -20.88 10.06
N PRO A 151 6.73 -21.99 9.43
CA PRO A 151 6.94 -23.23 10.18
C PRO A 151 7.88 -23.03 11.36
N MET A 152 7.46 -23.60 12.49
CA MET A 152 8.13 -23.50 13.81
C MET A 152 7.72 -22.26 14.57
N SER A 153 6.87 -21.42 13.95
CA SER A 153 6.39 -20.18 14.59
C SER A 153 4.86 -20.08 14.54
N SER A 154 4.14 -21.11 14.97
CA SER A 154 2.69 -21.11 14.92
C SER A 154 2.04 -19.98 15.72
N ALA A 155 2.58 -19.65 16.91
CA ALA A 155 1.96 -18.59 17.69
C ALA A 155 2.04 -17.23 16.99
N TYR A 156 3.19 -16.98 16.40
CA TYR A 156 3.48 -15.74 15.69
C TYR A 156 2.51 -15.63 14.49
N THR A 157 2.42 -16.71 13.72
CA THR A 157 1.55 -16.75 12.55
C THR A 157 0.09 -16.53 12.94
N SER A 158 -0.35 -17.24 14.00
CA SER A 158 -1.73 -17.13 14.44
C SER A 158 -2.02 -15.70 14.91
N ALA A 159 -1.12 -15.13 15.73
CA ALA A 159 -1.27 -13.78 16.22
C ALA A 159 -1.32 -12.77 15.08
N LYS A 160 -0.43 -12.90 14.08
CA LYS A 160 -0.38 -11.91 13.00
C LYS A 160 -1.63 -12.03 12.10
N HIS A 161 -2.13 -13.24 11.86
CA HIS A 161 -3.44 -13.43 11.24
C HIS A 161 -4.51 -12.67 12.02
N ALA A 162 -4.53 -12.86 13.35
CA ALA A 162 -5.50 -12.19 14.20
C ALA A 162 -5.45 -10.68 14.08
N VAL A 163 -4.23 -10.10 13.99
CA VAL A 163 -4.09 -8.67 13.79
C VAL A 163 -4.74 -8.22 12.49
N VAL A 164 -4.59 -9.01 11.40
CA VAL A 164 -5.27 -8.68 10.15
C VAL A 164 -6.78 -8.64 10.35
N GLY A 165 -7.37 -9.64 11.03
CA GLY A 165 -8.81 -9.68 11.26
C GLY A 165 -9.31 -8.48 12.12
N LEU A 166 -8.54 -8.15 13.17
CA LEU A 166 -8.86 -7.01 14.01
C LEU A 166 -8.89 -5.73 13.19
N THR A 167 -7.90 -5.61 12.30
CA THR A 167 -7.78 -4.45 11.43
C THR A 167 -9.01 -4.29 10.54
N LYS A 168 -9.41 -5.37 9.86
CA LYS A 168 -10.58 -5.33 9.00
C LYS A 168 -11.78 -4.88 9.82
N ASN A 169 -11.89 -5.43 11.05
CA ASN A 169 -13.03 -5.13 11.91
C ASN A 169 -13.09 -3.64 12.27
N ILE A 170 -11.97 -3.07 12.70
CA ILE A 170 -11.90 -1.68 13.06
C ILE A 170 -12.22 -0.82 11.84
N GLY A 171 -11.62 -1.15 10.68
CA GLY A 171 -11.84 -0.33 9.52
C GLY A 171 -13.34 -0.36 9.17
N ALA A 172 -13.93 -1.54 9.20
CA ALA A 172 -15.36 -1.66 8.87
C ALA A 172 -16.25 -0.92 9.87
N GLU A 173 -15.96 -1.03 11.15
CA GLU A 173 -16.81 -0.44 12.18
C GLU A 173 -16.73 1.06 12.22
N TYR A 174 -15.54 1.66 11.97
CA TYR A 174 -15.32 3.08 12.22
C TYR A 174 -15.26 3.88 10.93
N GLY A 175 -15.72 3.27 9.85
CA GLY A 175 -15.60 3.89 8.54
C GLY A 175 -16.26 5.28 8.50
N GLN A 176 -17.41 5.40 9.16
CA GLN A 176 -18.13 6.68 9.14
C GLN A 176 -17.85 7.50 10.39
N LYS A 177 -16.86 7.10 11.22
CA LYS A 177 -16.47 7.81 12.44
C LYS A 177 -15.04 8.37 12.29
N ASN A 178 -14.52 8.43 11.06
CA ASN A 178 -13.27 9.10 10.72
C ASN A 178 -12.08 8.45 11.43
N ILE A 179 -12.17 7.14 11.69
CA ILE A 179 -11.00 6.40 12.12
C ILE A 179 -10.68 5.36 11.01
N ARG A 180 -9.48 5.47 10.43
CA ARG A 180 -9.04 4.47 9.46
C ARG A 180 -8.09 3.51 10.18
N CYS A 181 -8.08 2.24 9.72
CA CYS A 181 -7.20 1.24 10.33
C CYS A 181 -6.74 0.33 9.19
N ASN A 182 -5.43 0.16 9.08
CA ASN A 182 -4.84 -0.71 8.06
C ASN A 182 -3.70 -1.49 8.69
N ALA A 183 -3.33 -2.62 8.07
CA ALA A 183 -2.25 -3.46 8.56
C ALA A 183 -1.13 -3.51 7.53
N VAL A 184 0.11 -3.56 7.99
CA VAL A 184 1.28 -3.69 7.18
C VAL A 184 1.90 -5.05 7.36
N GLY A 185 2.26 -5.69 6.23
CA GLY A 185 2.84 -7.03 6.32
C GLY A 185 4.25 -7.12 5.80
N PRO A 186 5.27 -6.84 6.62
CA PRO A 186 6.65 -6.96 6.16
C PRO A 186 7.09 -8.40 5.93
N GLY A 187 7.92 -8.53 4.90
CA GLY A 187 8.78 -9.69 4.75
C GLY A 187 9.92 -9.66 5.74
N TYR A 188 10.98 -10.43 5.48
CA TYR A 188 12.11 -10.49 6.41
C TYR A 188 12.97 -9.26 6.22
N ILE A 189 13.28 -8.61 7.35
CA ILE A 189 13.95 -7.33 7.39
C ILE A 189 15.27 -7.52 8.13
N ASP A 190 16.32 -6.86 7.67
CA ASP A 190 17.63 -7.00 8.28
C ASP A 190 17.53 -6.47 9.72
N THR A 191 17.79 -7.33 10.72
CA THR A 191 17.96 -6.93 12.11
C THR A 191 19.32 -7.42 12.59
N PRO A 192 19.75 -7.06 13.83
CA PRO A 192 20.88 -7.71 14.48
C PRO A 192 20.60 -9.17 14.85
N LEU A 193 19.39 -9.43 15.39
CA LEU A 193 18.88 -10.78 15.56
C LEU A 193 19.33 -11.63 14.37
N LEU A 194 18.90 -11.24 13.16
CA LEU A 194 19.12 -12.01 11.95
C LEU A 194 20.62 -12.18 11.65
N ALA A 195 21.47 -11.23 12.07
CA ALA A 195 22.91 -11.45 11.97
C ALA A 195 23.32 -12.59 12.90
N LYS A 196 22.60 -12.74 14.03
CA LYS A 196 22.82 -13.84 14.97
C LYS A 196 22.52 -15.18 14.30
N LEU A 197 21.42 -15.27 13.52
CA LEU A 197 21.15 -16.44 12.69
C LEU A 197 22.37 -16.76 11.84
N ASP A 198 22.60 -18.07 11.63
CA ASP A 198 23.71 -18.55 10.81
C ASP A 198 23.58 -17.97 9.40
N LYS A 199 24.56 -18.24 8.54
CA LYS A 199 24.59 -17.67 7.20
C LYS A 199 23.82 -18.52 6.20
N GLU A 200 23.63 -19.81 6.49
CA GLU A 200 22.84 -20.66 5.62
C GLU A 200 21.35 -20.37 5.83
N HIS A 201 20.92 -20.10 7.07
CA HIS A 201 19.55 -19.73 7.37
C HIS A 201 19.21 -18.41 6.67
N ILE A 202 20.18 -17.47 6.67
CA ILE A 202 20.00 -16.15 6.09
C ILE A 202 19.85 -16.27 4.58
N ASN A 203 20.72 -17.05 3.94
CA ASN A 203 20.61 -17.24 2.51
C ASN A 203 19.29 -17.93 2.14
N ALA A 204 18.83 -18.87 2.97
CA ALA A 204 17.57 -19.54 2.74
C ALA A 204 16.43 -18.54 2.82
N LEU A 205 16.52 -17.61 3.78
CA LEU A 205 15.50 -16.57 3.88
C LEU A 205 15.52 -15.71 2.62
N ILE A 206 16.71 -15.28 2.19
CA ILE A 206 16.81 -14.41 1.03
C ILE A 206 16.22 -15.09 -0.19
N SER A 207 16.46 -16.41 -0.35
CA SER A 207 15.98 -17.14 -1.53
C SER A 207 14.47 -17.14 -1.64
N LYS A 208 13.79 -16.89 -0.51
CA LYS A 208 12.33 -16.86 -0.47
C LYS A 208 11.76 -15.48 -0.82
N HIS A 209 12.60 -14.49 -1.06
CA HIS A 209 12.19 -13.15 -1.50
C HIS A 209 12.60 -13.00 -2.96
N PRO A 210 11.65 -12.92 -3.89
CA PRO A 210 11.99 -12.69 -5.29
C PRO A 210 12.90 -11.50 -5.58
N ILE A 211 12.79 -10.42 -4.78
CA ILE A 211 13.66 -9.28 -4.98
C ILE A 211 15.14 -9.61 -4.67
N GLY A 212 15.42 -10.71 -3.98
CA GLY A 212 16.79 -11.24 -3.84
C GLY A 212 17.63 -10.53 -2.78
N ARG A 213 16.94 -9.95 -1.79
CA ARG A 213 17.58 -9.39 -0.61
C ARG A 213 16.55 -9.32 0.51
N LEU A 214 17.01 -9.22 1.74
CA LEU A 214 16.18 -8.78 2.86
C LEU A 214 15.81 -7.31 2.73
N GLY A 215 14.67 -6.95 3.39
CA GLY A 215 14.27 -5.56 3.38
C GLY A 215 15.01 -4.76 4.47
N LYS A 216 14.86 -3.45 4.40
CA LYS A 216 15.38 -2.56 5.44
C LYS A 216 14.21 -1.97 6.21
N ALA A 217 14.46 -1.69 7.48
CA ALA A 217 13.42 -1.13 8.34
C ALA A 217 12.87 0.16 7.77
N GLU A 218 13.73 0.99 7.14
CA GLU A 218 13.32 2.24 6.52
C GLU A 218 12.25 2.02 5.44
N GLU A 219 12.37 0.91 4.69
CA GLU A 219 11.45 0.63 3.60
C GLU A 219 10.06 0.29 4.15
N VAL A 220 10.01 -0.41 5.28
CA VAL A 220 8.73 -0.67 5.96
C VAL A 220 8.15 0.66 6.47
N ALA A 221 9.02 1.51 7.03
CA ALA A 221 8.54 2.76 7.61
C ALA A 221 7.94 3.68 6.55
N GLU A 222 8.40 3.62 5.29
CA GLU A 222 7.82 4.44 4.24
C GLU A 222 6.35 4.08 4.05
N LEU A 223 6.02 2.78 4.03
CA LEU A 223 4.64 2.39 3.83
C LEU A 223 3.77 2.72 5.04
N VAL A 224 4.34 2.56 6.23
CA VAL A 224 3.64 2.95 7.45
C VAL A 224 3.35 4.47 7.39
N LEU A 225 4.31 5.27 7.03
CA LEU A 225 4.14 6.73 6.91
C LEU A 225 3.02 7.09 5.94
N PHE A 226 2.99 6.44 4.75
CA PHE A 226 1.96 6.65 3.76
C PHE A 226 0.58 6.37 4.38
N LEU A 227 0.44 5.21 5.03
CA LEU A 227 -0.83 4.76 5.56
C LEU A 227 -1.23 5.55 6.80
N SER A 228 -0.30 6.28 7.38
CA SER A 228 -0.58 7.13 8.54
C SER A 228 -1.06 8.53 8.12
N SER A 229 -0.81 8.93 6.89
CA SER A 229 -0.99 10.27 6.36
C SER A 229 -2.36 10.39 5.71
N ASP A 230 -2.70 11.65 5.36
CA ASP A 230 -3.92 11.93 4.64
C ASP A 230 -3.87 11.47 3.17
N LYS A 231 -2.69 11.13 2.64
CA LYS A 231 -2.54 10.60 1.29
C LYS A 231 -3.34 9.30 1.10
N SER A 232 -3.50 8.54 2.17
CA SER A 232 -4.19 7.25 2.15
C SER A 232 -5.66 7.35 2.60
N SER A 233 -6.28 8.54 2.36
CA SER A 233 -7.60 8.84 2.90
C SER A 233 -8.73 7.86 2.52
N PHE A 234 -8.62 7.12 1.40
CA PHE A 234 -9.68 6.20 1.00
C PHE A 234 -9.29 4.75 1.30
N MET A 235 -8.24 4.55 2.08
CA MET A 235 -7.74 3.21 2.40
C MET A 235 -8.09 2.91 3.84
N THR A 236 -8.90 1.88 4.05
CA THR A 236 -9.20 1.38 5.38
C THR A 236 -9.58 -0.08 5.33
N GLY A 237 -9.31 -0.76 6.45
CA GLY A 237 -9.60 -2.17 6.61
C GLY A 237 -8.66 -3.05 5.78
N GLY A 238 -7.59 -2.50 5.22
CA GLY A 238 -6.76 -3.19 4.25
C GLY A 238 -5.49 -3.78 4.86
N TYR A 239 -4.92 -4.78 4.15
CA TYR A 239 -3.63 -5.37 4.50
C TYR A 239 -2.68 -5.13 3.33
N TYR A 240 -1.54 -4.50 3.65
CA TYR A 240 -0.59 -4.04 2.60
C TYR A 240 0.79 -4.64 2.80
N LEU A 241 1.17 -5.51 1.87
CA LEU A 241 2.48 -6.21 1.96
C LEU A 241 3.69 -5.32 1.63
N VAL A 242 4.78 -5.49 2.36
CA VAL A 242 6.08 -4.84 2.00
C VAL A 242 7.04 -6.04 2.12
N ASP A 243 7.01 -6.96 1.16
CA ASP A 243 7.72 -8.25 1.34
C ASP A 243 8.66 -8.67 0.21
N GLY A 244 9.02 -7.77 -0.70
CA GLY A 244 9.98 -8.19 -1.71
C GLY A 244 9.47 -9.29 -2.62
N GLY A 245 8.14 -9.48 -2.71
CA GLY A 245 7.52 -10.53 -3.50
C GLY A 245 7.31 -11.87 -2.78
N TYR A 246 7.63 -11.96 -1.47
CA TYR A 246 7.58 -13.25 -0.77
C TYR A 246 6.27 -13.96 -1.00
N THR A 247 5.14 -13.23 -0.86
CA THR A 247 3.83 -13.87 -0.86
C THR A 247 3.27 -13.99 -2.27
N ALA A 248 3.93 -13.40 -3.24
CA ALA A 248 3.49 -13.48 -4.64
C ALA A 248 3.70 -14.85 -5.23
N VAL A 249 4.56 -15.71 -4.65
CA VAL A 249 4.85 -17.05 -5.12
C VAL A 249 4.39 -18.12 -4.10
N LYS B 2 10.97 17.04 -5.54
CA LYS B 2 9.95 16.33 -6.31
C LYS B 2 10.37 14.86 -6.43
N ILE B 3 9.49 13.94 -6.03
CA ILE B 3 9.94 12.58 -5.78
C ILE B 3 10.16 11.83 -7.10
N LEU B 4 9.61 12.29 -8.22
CA LEU B 4 9.84 11.63 -9.51
C LEU B 4 10.72 12.48 -10.43
N ALA B 5 11.61 13.32 -9.87
CA ALA B 5 12.35 14.27 -10.70
C ALA B 5 13.19 13.54 -11.73
N ASP B 6 13.04 13.94 -13.01
CA ASP B 6 13.86 13.42 -14.10
C ASP B 6 13.39 12.03 -14.56
N LYS B 7 12.33 11.48 -13.95
CA LYS B 7 11.87 10.16 -14.35
C LYS B 7 10.97 10.32 -15.55
N VAL B 8 10.95 9.32 -16.43
CA VAL B 8 10.01 9.32 -17.53
C VAL B 8 8.89 8.33 -17.23
N ALA B 9 7.65 8.81 -17.35
CA ALA B 9 6.47 8.04 -16.96
C ALA B 9 5.43 8.04 -18.07
N LEU B 10 4.79 6.90 -18.25
CA LEU B 10 3.71 6.70 -19.20
C LEU B 10 2.44 6.40 -18.39
N VAL B 11 1.29 6.93 -18.81
CA VAL B 11 0.00 6.55 -18.25
C VAL B 11 -0.95 6.28 -19.38
N THR B 12 -1.51 5.07 -19.46
CA THR B 12 -2.53 4.80 -20.46
C THR B 12 -3.89 5.24 -19.92
N GLY B 13 -4.76 5.60 -20.87
CA GLY B 13 -6.10 6.08 -20.56
C GLY B 13 -6.09 7.30 -19.65
N SER B 14 -5.19 8.26 -19.91
CA SER B 14 -4.96 9.39 -19.04
C SER B 14 -5.70 10.66 -19.50
N GLY B 15 -6.70 10.49 -20.36
CA GLY B 15 -7.55 11.59 -20.79
C GLY B 15 -8.59 11.96 -19.73
N SER B 16 -8.88 11.07 -18.77
CA SER B 16 -9.96 11.28 -17.80
C SER B 16 -9.79 10.37 -16.57
N GLY B 17 -10.60 10.64 -15.52
CA GLY B 17 -10.82 9.76 -14.40
C GLY B 17 -9.53 9.51 -13.61
N ILE B 18 -9.32 8.27 -13.22
CA ILE B 18 -8.11 7.91 -12.49
C ILE B 18 -6.86 8.20 -13.30
N GLY B 19 -6.84 7.86 -14.58
CA GLY B 19 -5.66 8.04 -15.41
C GLY B 19 -5.22 9.51 -15.45
N LEU B 20 -6.19 10.43 -15.56
CA LEU B 20 -5.88 11.86 -15.51
C LEU B 20 -5.25 12.25 -14.17
N ALA B 21 -5.86 11.79 -13.05
CA ALA B 21 -5.36 12.07 -11.73
C ALA B 21 -3.93 11.55 -11.55
N VAL B 22 -3.69 10.34 -12.06
CA VAL B 22 -2.34 9.78 -11.99
C VAL B 22 -1.37 10.67 -12.77
N ALA B 23 -1.75 11.03 -14.01
CA ALA B 23 -0.86 11.85 -14.83
C ALA B 23 -0.52 13.19 -14.17
N LEU B 24 -1.54 13.83 -13.57
CA LEU B 24 -1.33 15.09 -12.83
C LEU B 24 -0.39 14.88 -11.65
N ALA B 25 -0.62 13.81 -10.87
CA ALA B 25 0.31 13.48 -9.78
C ALA B 25 1.75 13.29 -10.27
N TYR B 26 1.95 12.51 -11.35
CA TYR B 26 3.28 12.29 -11.87
C TYR B 26 3.89 13.63 -12.30
N GLY B 27 3.09 14.43 -12.99
CA GLY B 27 3.58 15.70 -13.53
C GLY B 27 4.04 16.65 -12.42
N LYS B 28 3.22 16.75 -11.38
CA LYS B 28 3.49 17.60 -10.22
C LYS B 28 4.74 17.14 -9.47
N GLU B 29 5.08 15.83 -9.49
CA GLU B 29 6.28 15.36 -8.83
C GLU B 29 7.50 15.27 -9.73
N GLY B 30 7.47 15.95 -10.88
CA GLY B 30 8.68 16.18 -11.65
C GLY B 30 8.93 15.20 -12.79
N ALA B 31 7.99 14.29 -13.08
CA ALA B 31 8.24 13.35 -14.16
C ALA B 31 7.97 14.02 -15.50
N LYS B 32 8.64 13.50 -16.52
CA LYS B 32 8.20 13.74 -17.89
C LYS B 32 7.14 12.70 -18.22
N VAL B 33 5.94 13.15 -18.60
CA VAL B 33 4.78 12.26 -18.68
C VAL B 33 4.32 12.10 -20.11
N VAL B 34 4.19 10.85 -20.53
CA VAL B 34 3.58 10.48 -21.80
C VAL B 34 2.14 10.08 -21.49
N ILE B 35 1.23 10.87 -22.04
CA ILE B 35 -0.19 10.69 -21.93
C ILE B 35 -0.63 9.87 -23.13
N SER B 36 -1.45 8.86 -22.89
CA SER B 36 -2.03 8.12 -23.98
C SER B 36 -3.52 7.90 -23.70
N ASP B 37 -4.32 7.95 -24.77
CA ASP B 37 -5.74 7.77 -24.69
C ASP B 37 -6.23 7.53 -26.14
N ILE B 38 -7.35 6.86 -26.26
CA ILE B 38 -7.99 6.66 -27.55
C ILE B 38 -8.60 7.98 -28.01
N ASN B 39 -8.92 8.89 -27.07
CA ASN B 39 -9.54 10.17 -27.38
C ASN B 39 -8.51 11.31 -27.34
N GLU B 40 -8.16 11.83 -28.54
CA GLU B 40 -7.14 12.87 -28.71
C GLU B 40 -7.49 14.14 -27.94
N GLN B 41 -8.76 14.52 -27.90
CA GLN B 41 -9.12 15.80 -27.30
C GLN B 41 -8.85 15.75 -25.79
N ALA B 42 -9.22 14.64 -25.16
CA ALA B 42 -9.04 14.49 -23.72
C ALA B 42 -7.57 14.46 -23.35
N GLY B 43 -6.84 13.66 -24.12
CA GLY B 43 -5.41 13.47 -23.94
C GLY B 43 -4.69 14.80 -24.05
N ASN B 44 -5.00 15.56 -25.12
CA ASN B 44 -4.34 16.84 -25.35
C ASN B 44 -4.68 17.79 -24.19
N GLU B 45 -5.90 17.68 -23.67
CA GLU B 45 -6.33 18.48 -22.55
C GLU B 45 -5.53 18.15 -21.27
N THR B 46 -5.23 16.85 -21.04
CA THR B 46 -4.41 16.50 -19.87
C THR B 46 -3.02 17.13 -20.00
N VAL B 47 -2.42 17.06 -21.19
CA VAL B 47 -1.10 17.62 -21.45
C VAL B 47 -1.10 19.10 -21.07
N LYS B 48 -2.16 19.79 -21.50
CA LYS B 48 -2.25 21.22 -21.27
C LYS B 48 -2.32 21.48 -19.76
N GLN B 49 -3.14 20.71 -19.02
CA GLN B 49 -3.27 20.92 -17.57
C GLN B 49 -1.94 20.67 -16.89
N ILE B 50 -1.15 19.68 -17.37
CA ILE B 50 0.13 19.40 -16.76
C ILE B 50 1.07 20.57 -17.05
N GLU B 51 1.14 20.95 -18.34
CA GLU B 51 1.95 22.09 -18.76
C GLU B 51 1.57 23.33 -17.94
N SER B 52 0.27 23.59 -17.79
CA SER B 52 -0.19 24.76 -17.08
C SER B 52 0.36 24.81 -15.66
N LEU B 53 0.55 23.64 -15.02
CA LEU B 53 1.12 23.55 -13.68
C LEU B 53 2.64 23.65 -13.70
N GLY B 54 3.25 23.73 -14.90
CA GLY B 54 4.70 23.83 -15.05
C GLY B 54 5.40 22.48 -15.21
N GLY B 55 4.65 21.42 -15.50
CA GLY B 55 5.25 20.11 -15.76
C GLY B 55 5.55 19.90 -17.24
N GLU B 56 6.06 18.72 -17.58
CA GLU B 56 6.34 18.37 -18.96
C GLU B 56 5.53 17.14 -19.39
N ALA B 57 4.86 17.23 -20.54
CA ALA B 57 3.99 16.14 -20.99
C ALA B 57 3.79 16.18 -22.50
N VAL B 58 3.73 14.99 -23.08
CA VAL B 58 3.41 14.79 -24.48
C VAL B 58 2.27 13.78 -24.58
N PHE B 59 1.54 13.85 -25.69
CA PHE B 59 0.41 12.97 -25.93
C PHE B 59 0.75 12.01 -27.08
N PHE B 60 0.26 10.78 -26.96
CA PHE B 60 0.41 9.80 -28.02
C PHE B 60 -0.90 9.02 -28.05
N LYS B 61 -1.59 9.04 -29.20
CA LYS B 61 -2.88 8.39 -29.33
C LYS B 61 -2.64 6.91 -29.51
N ALA B 62 -3.39 6.10 -28.75
CA ALA B 62 -3.20 4.66 -28.83
C ALA B 62 -4.46 3.93 -28.41
N ASP B 63 -4.66 2.79 -29.07
CA ASP B 63 -5.64 1.78 -28.70
C ASP B 63 -4.89 0.74 -27.88
N SER B 64 -5.15 0.76 -26.58
CA SER B 64 -4.43 -0.07 -25.64
C SER B 64 -4.69 -1.56 -25.91
N SER B 65 -5.66 -1.95 -26.73
CA SER B 65 -5.85 -3.36 -27.06
C SER B 65 -4.89 -3.84 -28.15
N SER B 66 -4.15 -2.91 -28.78
CA SER B 66 -3.31 -3.23 -29.93
C SER B 66 -1.87 -3.47 -29.52
N PRO B 67 -1.23 -4.65 -29.77
CA PRO B 67 0.19 -4.80 -29.46
C PRO B 67 1.04 -3.71 -30.11
N ALA B 68 0.80 -3.48 -31.43
CA ALA B 68 1.59 -2.48 -32.13
C ALA B 68 1.49 -1.07 -31.53
N ASP B 69 0.30 -0.64 -31.13
CA ASP B 69 0.15 0.66 -30.50
C ASP B 69 0.89 0.69 -29.16
N ASN B 70 0.85 -0.38 -28.36
CA ASN B 70 1.59 -0.38 -27.10
C ASN B 70 3.10 -0.28 -27.31
N GLU B 71 3.60 -0.98 -28.31
CA GLU B 71 5.02 -0.96 -28.65
C GLU B 71 5.43 0.45 -29.12
N ALA B 72 4.56 1.07 -29.93
CA ALA B 72 4.82 2.40 -30.49
C ALA B 72 4.74 3.47 -29.40
N LEU B 73 3.86 3.28 -28.40
CA LEU B 73 3.76 4.21 -27.30
C LEU B 73 5.04 4.21 -26.47
N VAL B 74 5.54 3.02 -26.12
CA VAL B 74 6.78 2.94 -25.38
C VAL B 74 7.94 3.49 -26.25
N GLY B 75 7.92 3.13 -27.53
CA GLY B 75 9.01 3.56 -28.44
C GLY B 75 9.06 5.08 -28.52
N TYR B 76 7.89 5.69 -28.52
CA TYR B 76 7.77 7.14 -28.54
C TYR B 76 8.29 7.74 -27.25
N ALA B 77 8.02 7.10 -26.10
CA ALA B 77 8.54 7.63 -24.86
C ALA B 77 10.06 7.61 -24.85
N VAL B 78 10.65 6.53 -25.35
CA VAL B 78 12.08 6.36 -25.26
C VAL B 78 12.74 7.30 -26.31
N LYS B 79 12.10 7.44 -27.46
CA LYS B 79 12.62 8.35 -28.49
C LYS B 79 12.56 9.80 -28.01
N THR B 80 11.43 10.19 -27.43
CA THR B 80 11.24 11.56 -26.96
C THR B 80 12.14 11.88 -25.77
N PHE B 81 12.23 11.00 -24.77
CA PHE B 81 12.86 11.38 -23.52
C PHE B 81 14.06 10.51 -23.19
N GLY B 82 14.36 9.49 -24.00
CA GLY B 82 15.61 8.80 -23.80
C GLY B 82 15.51 7.47 -23.06
N ARG B 83 14.38 7.24 -22.38
CA ARG B 83 14.29 6.12 -21.45
C ARG B 83 12.84 6.01 -20.98
N LEU B 84 12.51 4.85 -20.36
CA LEU B 84 11.22 4.70 -19.69
C LEU B 84 11.50 4.20 -18.27
N ASP B 85 11.08 4.99 -17.27
CA ASP B 85 11.24 4.66 -15.87
C ASP B 85 9.98 4.10 -15.17
N ILE B 86 8.81 4.59 -15.52
CA ILE B 86 7.57 4.30 -14.80
C ILE B 86 6.50 4.09 -15.85
N ALA B 87 5.59 3.11 -15.60
CA ALA B 87 4.40 2.98 -16.41
C ALA B 87 3.20 2.67 -15.54
N CYS B 88 2.08 3.33 -15.78
CA CYS B 88 0.80 3.01 -15.17
C CYS B 88 -0.19 2.54 -16.23
N ASN B 89 -0.55 1.27 -16.16
CA ASN B 89 -1.48 0.68 -17.10
C ASN B 89 -2.90 0.83 -16.56
N ASN B 90 -3.61 1.83 -17.06
CA ASN B 90 -4.88 2.29 -16.53
C ASN B 90 -6.00 2.12 -17.52
N ALA B 91 -5.70 2.12 -18.82
CA ALA B 91 -6.75 2.15 -19.82
C ALA B 91 -7.65 0.92 -19.61
N GLY B 92 -8.97 1.14 -19.62
CA GLY B 92 -9.91 0.04 -19.48
C GLY B 92 -11.34 0.50 -19.75
N ILE B 93 -12.25 -0.45 -20.03
CA ILE B 93 -13.67 -0.14 -20.22
C ILE B 93 -14.50 -0.98 -19.26
N GLY B 94 -15.74 -0.56 -18.97
CA GLY B 94 -16.63 -1.28 -18.07
C GLY B 94 -17.32 -2.47 -18.76
N GLY B 95 -17.61 -2.29 -20.05
CA GLY B 95 -18.26 -3.31 -20.84
C GLY B 95 -19.78 -3.35 -20.71
N GLU B 96 -20.39 -4.26 -21.45
CA GLU B 96 -21.83 -4.43 -21.38
C GLU B 96 -22.22 -4.99 -20.02
N ALA B 97 -23.45 -4.67 -19.62
CA ALA B 97 -24.07 -5.22 -18.42
C ALA B 97 -25.01 -6.36 -18.78
N ALA B 98 -24.67 -7.60 -18.36
CA ALA B 98 -25.38 -8.78 -18.75
C ALA B 98 -24.93 -9.91 -17.83
N LEU B 99 -25.86 -10.82 -17.49
CA LEU B 99 -25.52 -12.04 -16.78
C LEU B 99 -24.55 -12.83 -17.63
N THR B 100 -23.68 -13.61 -16.98
CA THR B 100 -22.66 -14.38 -17.72
C THR B 100 -23.28 -15.12 -18.93
N GLY B 101 -24.38 -15.83 -18.71
CA GLY B 101 -24.98 -16.67 -19.75
C GLY B 101 -25.51 -15.82 -20.91
N ASP B 102 -25.80 -14.55 -20.67
CA ASP B 102 -26.36 -13.64 -21.66
C ASP B 102 -25.28 -12.77 -22.28
N TYR B 103 -24.02 -12.87 -21.81
CA TYR B 103 -22.99 -11.95 -22.27
C TYR B 103 -22.67 -12.20 -23.74
N SER B 104 -22.64 -11.13 -24.54
CA SER B 104 -22.43 -11.29 -25.97
C SER B 104 -20.99 -11.71 -26.23
N LEU B 105 -20.79 -12.46 -27.30
CA LEU B 105 -19.46 -12.91 -27.69
C LEU B 105 -18.56 -11.73 -28.01
N ASP B 106 -19.06 -10.76 -28.81
CA ASP B 106 -18.28 -9.59 -29.20
C ASP B 106 -17.98 -8.70 -27.99
N GLY B 107 -18.97 -8.53 -27.10
CA GLY B 107 -18.82 -7.64 -25.95
C GLY B 107 -17.80 -8.25 -24.98
N TRP B 108 -17.82 -9.59 -24.89
CA TRP B 108 -16.87 -10.31 -24.03
C TRP B 108 -15.46 -10.05 -24.55
N LYS B 109 -15.27 -10.31 -25.84
CA LYS B 109 -13.96 -10.14 -26.45
C LYS B 109 -13.45 -8.72 -26.31
N LYS B 110 -14.35 -7.72 -26.46
CA LYS B 110 -13.90 -6.35 -26.40
C LYS B 110 -13.29 -6.03 -25.03
N VAL B 111 -13.99 -6.45 -23.98
CA VAL B 111 -13.59 -6.18 -22.59
C VAL B 111 -12.28 -6.94 -22.30
N ILE B 112 -12.19 -8.20 -22.69
CA ILE B 112 -10.97 -8.96 -22.42
C ILE B 112 -9.77 -8.37 -23.20
N ASP B 113 -10.01 -7.98 -24.45
CA ASP B 113 -8.91 -7.44 -25.23
C ASP B 113 -8.36 -6.17 -24.65
N ILE B 114 -9.20 -5.27 -24.14
CA ILE B 114 -8.75 -4.00 -23.60
C ILE B 114 -8.19 -4.22 -22.20
N ASN B 115 -9.01 -4.86 -21.33
CA ASN B 115 -8.74 -4.85 -19.90
C ASN B 115 -7.72 -5.91 -19.47
N PHE B 116 -7.52 -6.97 -20.26
CA PHE B 116 -6.67 -8.11 -19.94
C PHE B 116 -5.48 -8.06 -20.91
N ASN B 117 -5.75 -8.38 -22.17
CA ASN B 117 -4.66 -8.53 -23.12
C ASN B 117 -3.87 -7.23 -23.25
N GLY B 118 -4.57 -6.09 -23.28
CA GLY B 118 -3.93 -4.81 -23.51
C GLY B 118 -2.97 -4.42 -22.38
N VAL B 119 -3.25 -4.90 -21.15
CA VAL B 119 -2.36 -4.62 -20.05
C VAL B 119 -1.07 -5.42 -20.24
N PHE B 120 -1.20 -6.68 -20.69
CA PHE B 120 -0.05 -7.47 -21.00
C PHE B 120 0.77 -6.80 -22.12
N TYR B 121 0.10 -6.38 -23.21
CA TYR B 121 0.88 -5.80 -24.31
C TYR B 121 1.66 -4.58 -23.83
N GLY B 122 1.03 -3.76 -22.97
CA GLY B 122 1.70 -2.63 -22.36
C GLY B 122 2.90 -3.08 -21.54
N CYS B 123 2.65 -4.02 -20.57
CA CYS B 123 3.73 -4.50 -19.72
C CYS B 123 4.91 -5.07 -20.53
N LYS B 124 4.59 -5.84 -21.58
CA LYS B 124 5.61 -6.51 -22.37
C LYS B 124 6.61 -5.49 -22.85
N TYR B 125 6.09 -4.45 -23.52
CA TYR B 125 6.97 -3.48 -24.21
C TYR B 125 7.62 -2.52 -23.22
N GLN B 126 6.91 -2.24 -22.11
CA GLN B 126 7.43 -1.43 -21.02
C GLN B 126 8.61 -2.13 -20.41
N ILE B 127 8.48 -3.43 -20.08
CA ILE B 127 9.56 -4.22 -19.53
C ILE B 127 10.78 -4.14 -20.45
N GLU B 128 10.53 -4.35 -21.75
CA GLU B 128 11.63 -4.39 -22.71
C GLU B 128 12.45 -3.10 -22.66
N ALA B 129 11.74 -1.96 -22.63
CA ALA B 129 12.39 -0.66 -22.59
C ALA B 129 13.09 -0.45 -21.26
N MET B 130 12.45 -0.85 -20.15
CA MET B 130 13.05 -0.60 -18.84
C MET B 130 14.34 -1.38 -18.69
N GLU B 131 14.40 -2.62 -19.17
CA GLU B 131 15.60 -3.42 -19.02
C GLU B 131 16.80 -2.78 -19.73
N ARG B 132 16.55 -2.00 -20.77
CA ARG B 132 17.66 -1.36 -21.47
C ARG B 132 18.28 -0.27 -20.58
N ASN B 133 17.52 0.29 -19.62
CA ASN B 133 17.95 1.45 -18.85
C ASN B 133 18.12 1.11 -17.36
N GLY B 134 18.37 -0.17 -17.05
CA GLY B 134 18.68 -0.62 -15.70
C GLY B 134 17.46 -0.83 -14.80
N GLY B 135 16.26 -0.81 -15.37
CA GLY B 135 15.09 -1.16 -14.57
C GLY B 135 14.00 -0.09 -14.58
N GLY B 136 12.98 -0.26 -13.73
CA GLY B 136 11.86 0.66 -13.69
C GLY B 136 10.74 0.13 -12.79
N VAL B 137 9.59 0.78 -12.86
CA VAL B 137 8.46 0.46 -11.99
C VAL B 137 7.20 0.51 -12.81
N ILE B 138 6.35 -0.53 -12.64
CA ILE B 138 5.05 -0.60 -13.27
C ILE B 138 3.98 -0.62 -12.18
N VAL B 139 2.92 0.14 -12.39
CA VAL B 139 1.69 -0.01 -11.64
C VAL B 139 0.57 -0.39 -12.58
N ASN B 140 -0.01 -1.56 -12.32
CA ASN B 140 -1.16 -2.01 -13.16
C ASN B 140 -2.44 -1.56 -12.46
N MET B 141 -3.40 -1.04 -13.21
CA MET B 141 -4.63 -0.65 -12.49
C MET B 141 -5.59 -1.84 -12.54
N ALA B 142 -5.88 -2.37 -11.37
CA ALA B 142 -6.85 -3.47 -11.25
C ALA B 142 -8.12 -2.84 -10.69
N SER B 143 -8.78 -3.56 -9.80
CA SER B 143 -10.00 -3.03 -9.16
C SER B 143 -10.36 -3.92 -7.99
N ILE B 144 -11.19 -3.44 -7.08
CA ILE B 144 -11.77 -4.39 -6.13
C ILE B 144 -12.19 -5.68 -6.83
N HIS B 145 -12.57 -5.57 -8.11
CA HIS B 145 -13.10 -6.71 -8.85
C HIS B 145 -11.96 -7.57 -9.40
N GLY B 146 -10.72 -7.29 -8.97
CA GLY B 146 -9.61 -8.23 -9.04
C GLY B 146 -9.66 -9.29 -7.93
N THR B 147 -10.56 -9.12 -6.93
CA THR B 147 -10.73 -10.11 -5.85
C THR B 147 -12.18 -10.46 -5.53
N VAL B 148 -13.19 -9.62 -5.84
CA VAL B 148 -14.58 -9.92 -5.57
C VAL B 148 -15.41 -9.66 -6.83
N ALA B 149 -16.53 -10.34 -6.89
CA ALA B 149 -17.44 -10.33 -8.04
C ALA B 149 -18.06 -8.96 -8.25
N ALA B 150 -18.40 -8.68 -9.52
CA ALA B 150 -19.24 -7.57 -9.93
C ALA B 150 -20.37 -8.14 -10.76
N PRO B 151 -21.49 -8.57 -10.15
CA PRO B 151 -22.57 -9.16 -10.95
C PRO B 151 -22.97 -8.23 -12.11
N MET B 152 -23.17 -8.88 -13.28
CA MET B 152 -23.48 -8.29 -14.59
C MET B 152 -22.23 -7.83 -15.33
N SER B 153 -21.04 -8.00 -14.72
CA SER B 153 -19.79 -7.59 -15.32
C SER B 153 -18.74 -8.69 -15.22
N SER B 154 -19.07 -9.91 -15.67
CA SER B 154 -18.14 -11.04 -15.58
C SER B 154 -16.85 -10.80 -16.35
N ALA B 155 -16.92 -10.21 -17.55
CA ALA B 155 -15.70 -9.96 -18.32
C ALA B 155 -14.75 -9.02 -17.58
N TYR B 156 -15.28 -7.91 -17.03
CA TYR B 156 -14.49 -6.96 -16.27
C TYR B 156 -13.82 -7.63 -15.05
N THR B 157 -14.61 -8.40 -14.30
CA THR B 157 -14.10 -9.10 -13.09
C THR B 157 -12.99 -10.09 -13.47
N SER B 158 -13.24 -10.85 -14.55
CA SER B 158 -12.26 -11.85 -15.00
C SER B 158 -10.96 -11.15 -15.41
N ALA B 159 -11.10 -10.04 -16.18
CA ALA B 159 -9.93 -9.31 -16.64
C ALA B 159 -9.15 -8.70 -15.47
N LYS B 160 -9.87 -8.12 -14.50
CA LYS B 160 -9.18 -7.52 -13.36
C LYS B 160 -8.47 -8.55 -12.48
N HIS B 161 -9.06 -9.73 -12.32
CA HIS B 161 -8.34 -10.86 -11.70
C HIS B 161 -7.05 -11.21 -12.47
N ALA B 162 -7.16 -11.28 -13.82
CA ALA B 162 -5.99 -11.55 -14.64
C ALA B 162 -4.89 -10.54 -14.40
N VAL B 163 -5.26 -9.25 -14.31
CA VAL B 163 -4.25 -8.23 -14.08
C VAL B 163 -3.49 -8.48 -12.77
N VAL B 164 -4.22 -8.88 -11.72
CA VAL B 164 -3.55 -9.22 -10.47
C VAL B 164 -2.52 -10.33 -10.69
N GLY B 165 -2.93 -11.40 -11.38
CA GLY B 165 -2.05 -12.53 -11.66
C GLY B 165 -0.80 -12.12 -12.44
N LEU B 166 -0.99 -11.33 -13.51
CA LEU B 166 0.11 -10.82 -14.32
C LEU B 166 1.10 -10.04 -13.48
N THR B 167 0.56 -9.22 -12.57
CA THR B 167 1.33 -8.41 -11.67
C THR B 167 2.23 -9.27 -10.79
N LYS B 168 1.62 -10.28 -10.14
CA LYS B 168 2.39 -11.21 -9.34
C LYS B 168 3.55 -11.83 -10.15
N ASN B 169 3.24 -12.23 -11.38
CA ASN B 169 4.24 -12.87 -12.21
C ASN B 169 5.38 -11.92 -12.54
N ILE B 170 5.06 -10.68 -12.91
CA ILE B 170 6.13 -9.77 -13.29
C ILE B 170 7.01 -9.47 -12.10
N GLY B 171 6.35 -9.22 -10.96
CA GLY B 171 7.10 -8.89 -9.76
C GLY B 171 8.02 -10.02 -9.34
N ALA B 172 7.52 -11.26 -9.42
CA ALA B 172 8.33 -12.41 -9.07
C ALA B 172 9.43 -12.66 -10.08
N GLU B 173 9.15 -12.45 -11.37
CA GLU B 173 10.18 -12.73 -12.39
C GLU B 173 11.31 -11.72 -12.42
N TYR B 174 11.02 -10.43 -12.16
CA TYR B 174 11.99 -9.36 -12.37
C TYR B 174 12.53 -8.79 -11.06
N GLY B 175 12.36 -9.56 -9.99
CA GLY B 175 12.81 -9.13 -8.67
C GLY B 175 14.29 -8.75 -8.65
N GLN B 176 15.15 -9.58 -9.28
CA GLN B 176 16.58 -9.31 -9.31
C GLN B 176 17.01 -8.54 -10.57
N LYS B 177 16.07 -8.05 -11.37
CA LYS B 177 16.36 -7.28 -12.56
C LYS B 177 15.89 -5.82 -12.39
N ASN B 178 15.59 -5.41 -11.15
CA ASN B 178 15.20 -4.05 -10.82
C ASN B 178 13.96 -3.56 -11.57
N ILE B 179 12.99 -4.43 -11.85
CA ILE B 179 11.70 -3.96 -12.31
C ILE B 179 10.68 -4.40 -11.25
N ARG B 180 10.02 -3.43 -10.61
CA ARG B 180 8.97 -3.73 -9.66
C ARG B 180 7.64 -3.56 -10.34
N CYS B 181 6.64 -4.36 -9.93
CA CYS B 181 5.32 -4.28 -10.50
C CYS B 181 4.30 -4.59 -9.41
N ASN B 182 3.34 -3.72 -9.25
CA ASN B 182 2.29 -3.82 -8.22
C ASN B 182 0.99 -3.43 -8.86
N ALA B 183 -0.12 -3.87 -8.27
CA ALA B 183 -1.45 -3.60 -8.76
C ALA B 183 -2.23 -2.82 -7.73
N VAL B 184 -3.05 -1.91 -8.21
CA VAL B 184 -3.94 -1.10 -7.37
C VAL B 184 -5.36 -1.51 -7.59
N GLY B 185 -6.10 -1.65 -6.49
CA GLY B 185 -7.48 -2.09 -6.53
C GLY B 185 -8.42 -1.01 -6.01
N PRO B 186 -8.89 -0.07 -6.85
CA PRO B 186 -9.86 0.91 -6.40
C PRO B 186 -11.24 0.34 -6.18
N GLY B 187 -11.93 0.89 -5.18
CA GLY B 187 -13.35 0.77 -5.03
C GLY B 187 -14.04 1.70 -6.03
N TYR B 188 -15.34 1.96 -5.81
CA TYR B 188 -16.05 2.83 -6.77
C TYR B 188 -15.65 4.27 -6.48
N ILE B 189 -15.39 4.98 -7.58
CA ILE B 189 -14.86 6.33 -7.59
C ILE B 189 -15.90 7.25 -8.26
N ASP B 190 -16.07 8.46 -7.73
CA ASP B 190 -16.92 9.49 -8.34
C ASP B 190 -16.42 9.81 -9.76
N THR B 191 -17.26 9.52 -10.76
CA THR B 191 -17.02 9.89 -12.16
C THR B 191 -18.36 10.22 -12.82
N PRO B 192 -18.37 11.10 -13.86
CA PRO B 192 -19.63 11.60 -14.41
C PRO B 192 -20.52 10.51 -15.01
N LEU B 197 -27.90 7.88 -14.02
CA LEU B 197 -27.41 6.85 -13.06
C LEU B 197 -28.27 6.91 -11.81
N ASP B 198 -29.17 5.92 -11.65
CA ASP B 198 -30.12 5.93 -10.56
C ASP B 198 -29.46 6.50 -9.31
N LYS B 199 -30.19 7.34 -8.58
CA LYS B 199 -29.85 7.65 -7.20
C LYS B 199 -29.78 6.34 -6.41
N GLU B 200 -30.76 5.46 -6.61
CA GLU B 200 -30.84 4.23 -5.85
C GLU B 200 -29.62 3.37 -6.16
N HIS B 201 -29.15 3.38 -7.42
CA HIS B 201 -27.99 2.62 -7.80
C HIS B 201 -26.77 3.22 -7.10
N ILE B 202 -26.68 4.55 -7.08
CA ILE B 202 -25.55 5.24 -6.43
C ILE B 202 -25.53 4.95 -4.93
N ASN B 203 -26.69 5.01 -4.28
CA ASN B 203 -26.79 4.75 -2.84
C ASN B 203 -26.48 3.30 -2.50
N ALA B 204 -26.87 2.37 -3.38
CA ALA B 204 -26.56 0.96 -3.22
C ALA B 204 -25.03 0.80 -3.27
N LEU B 205 -24.36 1.46 -4.24
CA LEU B 205 -22.89 1.43 -4.33
C LEU B 205 -22.29 1.95 -3.03
N ILE B 206 -22.72 3.15 -2.59
CA ILE B 206 -22.11 3.75 -1.42
C ILE B 206 -22.31 2.85 -0.19
N SER B 207 -23.49 2.17 -0.06
CA SER B 207 -23.80 1.35 1.10
C SER B 207 -22.79 0.20 1.21
N LYS B 208 -22.11 -0.12 0.10
CA LYS B 208 -21.16 -1.23 0.06
C LYS B 208 -19.74 -0.81 0.44
N HIS B 209 -19.54 0.49 0.72
CA HIS B 209 -18.27 1.02 1.17
C HIS B 209 -18.37 1.44 2.62
N PRO B 210 -17.73 0.71 3.57
CA PRO B 210 -17.85 1.05 4.98
C PRO B 210 -17.50 2.49 5.32
N ILE B 211 -16.60 3.12 4.54
CA ILE B 211 -16.23 4.51 4.76
C ILE B 211 -17.41 5.46 4.50
N GLY B 212 -18.43 5.03 3.75
CA GLY B 212 -19.70 5.77 3.67
C GLY B 212 -19.74 6.79 2.53
N ARG B 213 -18.85 6.65 1.54
CA ARG B 213 -18.83 7.52 0.40
C ARG B 213 -18.04 6.83 -0.71
N LEU B 214 -18.21 7.30 -1.92
CA LEU B 214 -17.37 6.90 -3.03
C LEU B 214 -16.00 7.55 -2.86
N GLY B 215 -14.99 6.99 -3.53
CA GLY B 215 -13.68 7.58 -3.51
C GLY B 215 -13.52 8.65 -4.61
N LYS B 216 -12.44 9.40 -4.50
CA LYS B 216 -12.05 10.36 -5.51
C LYS B 216 -10.84 9.83 -6.28
N ALA B 217 -10.79 10.21 -7.57
CA ALA B 217 -9.70 9.78 -8.40
C ALA B 217 -8.36 10.16 -7.78
N GLU B 218 -8.26 11.36 -7.17
CA GLU B 218 -7.02 11.83 -6.59
C GLU B 218 -6.53 10.90 -5.45
N GLU B 219 -7.49 10.28 -4.75
CA GLU B 219 -7.13 9.38 -3.67
C GLU B 219 -6.50 8.08 -4.20
N VAL B 220 -6.99 7.61 -5.34
CA VAL B 220 -6.39 6.48 -6.04
C VAL B 220 -4.98 6.86 -6.52
N ALA B 221 -4.86 8.06 -7.12
CA ALA B 221 -3.58 8.48 -7.69
C ALA B 221 -2.50 8.59 -6.63
N GLU B 222 -2.85 8.97 -5.37
CA GLU B 222 -1.85 9.05 -4.33
C GLU B 222 -1.17 7.68 -4.10
N LEU B 223 -1.96 6.61 -4.07
CA LEU B 223 -1.40 5.27 -3.94
C LEU B 223 -0.55 4.89 -5.16
N VAL B 224 -1.04 5.22 -6.36
CA VAL B 224 -0.26 4.93 -7.56
C VAL B 224 1.09 5.65 -7.50
N LEU B 225 1.05 6.92 -7.11
CA LEU B 225 2.27 7.71 -6.98
C LEU B 225 3.28 7.08 -6.02
N PHE B 226 2.79 6.67 -4.83
CA PHE B 226 3.65 6.02 -3.84
C PHE B 226 4.30 4.78 -4.44
N LEU B 227 3.46 3.94 -5.10
CA LEU B 227 3.94 2.68 -5.70
C LEU B 227 4.85 2.86 -6.89
N SER B 228 4.88 4.10 -7.44
CA SER B 228 5.72 4.42 -8.59
C SER B 228 7.05 5.05 -8.19
N SER B 229 7.20 5.38 -6.92
CA SER B 229 8.35 6.07 -6.36
C SER B 229 9.29 5.11 -5.66
N ASP B 230 10.49 5.62 -5.34
CA ASP B 230 11.49 4.92 -4.56
C ASP B 230 11.06 4.59 -3.13
N LYS B 231 10.00 5.25 -2.65
CA LYS B 231 9.55 5.05 -1.27
C LYS B 231 9.05 3.60 -1.12
N SER B 232 8.59 3.01 -2.23
CA SER B 232 8.00 1.67 -2.25
C SER B 232 9.03 0.59 -2.66
N SER B 233 10.31 0.88 -2.43
CA SER B 233 11.41 0.06 -2.95
C SER B 233 11.38 -1.41 -2.56
N PHE B 234 10.72 -1.82 -1.46
CA PHE B 234 10.69 -3.23 -1.07
C PHE B 234 9.34 -3.85 -1.45
N MET B 235 8.50 -3.15 -2.22
CA MET B 235 7.18 -3.63 -2.57
C MET B 235 7.14 -4.08 -4.02
N THR B 236 6.88 -5.36 -4.24
CA THR B 236 6.72 -5.87 -5.62
C THR B 236 5.83 -7.09 -5.59
N GLY B 237 5.14 -7.34 -6.70
CA GLY B 237 4.22 -8.44 -6.84
C GLY B 237 2.94 -8.31 -6.01
N GLY B 238 2.69 -7.17 -5.41
CA GLY B 238 1.57 -6.98 -4.50
C GLY B 238 0.33 -6.37 -5.11
N TYR B 239 -0.79 -6.60 -4.42
CA TYR B 239 -2.08 -6.05 -4.78
C TYR B 239 -2.56 -5.18 -3.62
N TYR B 240 -2.79 -3.91 -3.93
CA TYR B 240 -3.01 -2.87 -2.93
C TYR B 240 -4.37 -2.21 -3.11
N LEU B 241 -5.25 -2.42 -2.11
CA LEU B 241 -6.62 -1.94 -2.22
C LEU B 241 -6.71 -0.48 -1.83
N VAL B 242 -7.57 0.26 -2.53
CA VAL B 242 -7.91 1.63 -2.17
C VAL B 242 -9.42 1.75 -2.35
N ASP B 243 -10.17 1.23 -1.35
CA ASP B 243 -11.53 0.80 -1.53
C ASP B 243 -12.51 1.20 -0.44
N GLY B 244 -12.12 2.10 0.48
CA GLY B 244 -13.04 2.51 1.54
C GLY B 244 -13.59 1.37 2.37
N GLY B 245 -12.88 0.24 2.41
CA GLY B 245 -13.26 -0.93 3.17
C GLY B 245 -14.12 -1.96 2.42
N TYR B 246 -14.44 -1.70 1.14
CA TYR B 246 -15.34 -2.55 0.37
C TYR B 246 -15.06 -4.03 0.54
N THR B 247 -13.78 -4.43 0.39
CA THR B 247 -13.42 -5.85 0.42
C THR B 247 -13.14 -6.36 1.82
N ALA B 248 -13.18 -5.49 2.82
CA ALA B 248 -12.95 -5.93 4.18
C ALA B 248 -14.16 -6.67 4.76
N VAL B 249 -15.35 -6.51 4.16
CA VAL B 249 -16.59 -7.15 4.60
C VAL B 249 -17.10 -8.16 3.55
#